data_4L5K
# 
_entry.id   4L5K 
# 
_audit_conform.dict_name       mmcif_pdbx.dic 
_audit_conform.dict_version    5.379 
_audit_conform.dict_location   http://mmcif.pdb.org/dictionaries/ascii/mmcif_pdbx.dic 
# 
loop_
_database_2.database_id 
_database_2.database_code 
_database_2.pdbx_database_accession 
_database_2.pdbx_DOI 
PDB   4L5K         pdb_00004l5k 10.2210/pdb4l5k/pdb 
NDB   NA2546       ?            ?                   
RCSB  RCSB080208   ?            ?                   
WWPDB D_1000080208 ?            ?                   
# 
_pdbx_database_status.entry_id                        4L5K 
_pdbx_database_status.status_code                     REL 
_pdbx_database_status.deposit_site                    RCSB 
_pdbx_database_status.process_site                    RCSB 
_pdbx_database_status.recvd_initial_deposition_date   2013-06-11 
_pdbx_database_status.status_code_sf                  REL 
_pdbx_database_status.status_code_mr                  ? 
_pdbx_database_status.SG_entry                        ? 
_pdbx_database_status.status_code_cs                  ? 
_pdbx_database_status.methods_development_category    ? 
_pdbx_database_status.pdb_format_compatible           Y 
_pdbx_database_status.status_code_nmr_data            ? 
# 
loop_
_audit_author.name 
_audit_author.pdbx_ordinal 
'Ferraroni, M.'   1 
'Bazzicalupi, C.' 2 
'Gratteri, P.'    3 
# 
_citation.id                        primary 
_citation.title                     'Crystal structure of the complex of DNA hexamer d(CGATCG) with  Coptisine' 
_citation.journal_abbrev            'to be published' 
_citation.journal_volume            ? 
_citation.page_first                ? 
_citation.page_last                 ? 
_citation.year                      ? 
_citation.journal_id_ASTM           ? 
_citation.country                   ? 
_citation.journal_id_ISSN           ? 
_citation.journal_id_CSD            0353 
_citation.book_publisher            ? 
_citation.pdbx_database_id_PubMed   ? 
_citation.pdbx_database_id_DOI      ? 
# 
loop_
_citation_author.citation_id 
_citation_author.name 
_citation_author.ordinal 
_citation_author.identifier_ORCID 
primary 'Ferraroni, M.'   1 ? 
primary 'Bazzicalupi, C.' 2 ? 
primary 'Gratteri, P.'    3 ? 
# 
_cell.entry_id           4L5K 
_cell.length_a           26.581 
_cell.length_b           26.581 
_cell.length_c           77.094 
_cell.angle_alpha        90.00 
_cell.angle_beta         90.00 
_cell.angle_gamma        120.00 
_cell.Z_PDB              12 
_cell.pdbx_unique_axis   ? 
_cell.length_a_esd       ? 
_cell.length_b_esd       ? 
_cell.length_c_esd       ? 
_cell.angle_alpha_esd    ? 
_cell.angle_beta_esd     ? 
_cell.angle_gamma_esd    ? 
# 
_symmetry.entry_id                         4L5K 
_symmetry.space_group_name_H-M             'P 65 2 2' 
_symmetry.pdbx_full_space_group_name_H-M   ? 
_symmetry.cell_setting                     ? 
_symmetry.Int_Tables_number                179 
_symmetry.space_group_name_Hall            ? 
# 
loop_
_entity.id 
_entity.type 
_entity.src_method 
_entity.pdbx_description 
_entity.formula_weight 
_entity.pdbx_number_of_molecules 
_entity.pdbx_ec 
_entity.pdbx_mutation 
_entity.pdbx_fragment 
_entity.details 
1 polymer     syn 
;DNA (5'-D(*CP*GP*AP*TP*CP*G)-3')
;
1809.217 1 ? ? ? ? 
2 non-polymer syn '6,7-dihydro[1,3]dioxolo[4,5-g][1,3]dioxolo[7,8]isoquino[3,2-a]isoquinolin-5-ium' 320.319  1 ? ? ? ? 
3 water       nat water                                                                             18.015   3 ? ? ? ? 
# 
_entity_poly.entity_id                      1 
_entity_poly.type                           polydeoxyribonucleotide 
_entity_poly.nstd_linkage                   no 
_entity_poly.nstd_monomer                   no 
_entity_poly.pdbx_seq_one_letter_code       '(DC)(DG)(DA)(DT)(DC)(DG)' 
_entity_poly.pdbx_seq_one_letter_code_can   CGATCG 
_entity_poly.pdbx_strand_id                 A 
_entity_poly.pdbx_target_identifier         ? 
# 
loop_
_entity_poly_seq.entity_id 
_entity_poly_seq.num 
_entity_poly_seq.mon_id 
_entity_poly_seq.hetero 
1 1 DC n 
1 2 DG n 
1 3 DA n 
1 4 DT n 
1 5 DC n 
1 6 DG n 
# 
_struct_ref.id                         1 
_struct_ref.db_name                    PDB 
_struct_ref.db_code                    4L5K 
_struct_ref.pdbx_db_accession          4L5K 
_struct_ref.entity_id                  1 
_struct_ref.pdbx_align_begin           ? 
_struct_ref.pdbx_seq_one_letter_code   CGATCG 
_struct_ref.pdbx_db_isoform            ? 
# 
_struct_ref_seq.align_id                      1 
_struct_ref_seq.ref_id                        1 
_struct_ref_seq.pdbx_PDB_id_code              4L5K 
_struct_ref_seq.pdbx_strand_id                A 
_struct_ref_seq.seq_align_beg                 1 
_struct_ref_seq.pdbx_seq_align_beg_ins_code   ? 
_struct_ref_seq.seq_align_end                 6 
_struct_ref_seq.pdbx_seq_align_end_ins_code   ? 
_struct_ref_seq.pdbx_db_accession             4L5K 
_struct_ref_seq.db_align_beg                  1 
_struct_ref_seq.pdbx_db_align_beg_ins_code    ? 
_struct_ref_seq.db_align_end                  6 
_struct_ref_seq.pdbx_db_align_end_ins_code    ? 
_struct_ref_seq.pdbx_auth_seq_align_beg       1 
_struct_ref_seq.pdbx_auth_seq_align_end       6 
# 
loop_
_chem_comp.id 
_chem_comp.type 
_chem_comp.mon_nstd_flag 
_chem_comp.name 
_chem_comp.pdbx_synonyms 
_chem_comp.formula 
_chem_comp.formula_weight 
DA  'DNA linking' y "2'-DEOXYADENOSINE-5'-MONOPHOSPHATE"                                              ?         'C10 H14 N5 O6 P' 
331.222 
DC  'DNA linking' y "2'-DEOXYCYTIDINE-5'-MONOPHOSPHATE"                                               ?         'C9 H14 N3 O7 P'  
307.197 
DG  'DNA linking' y "2'-DEOXYGUANOSINE-5'-MONOPHOSPHATE"                                              ?         'C10 H14 N5 O7 P' 
347.221 
DT  'DNA linking' y "THYMIDINE-5'-MONOPHOSPHATE"                                                      ?         'C10 H15 N2 O8 P' 
322.208 
HOH non-polymer   . WATER                                                                             ?         'H2 O'            
18.015  
KPT non-polymer   . '6,7-dihydro[1,3]dioxolo[4,5-g][1,3]dioxolo[7,8]isoquino[3,2-a]isoquinolin-5-ium' Coptisine 'C19 H14 N O4 1'  
320.319 
# 
_exptl.entry_id          4L5K 
_exptl.method            'X-RAY DIFFRACTION' 
_exptl.crystals_number   1 
# 
_exptl_crystal.id                    1 
_exptl_crystal.density_meas          ? 
_exptl_crystal.density_Matthews      2.18 
_exptl_crystal.density_percent_sol   43.45 
_exptl_crystal.description           ? 
_exptl_crystal.F_000                 ? 
_exptl_crystal.preparation           ? 
# 
_exptl_crystal_grow.crystal_id      1 
_exptl_crystal_grow.method          'VAPOR DIFFUSION, SITTING DROP' 
_exptl_crystal_grow.temp            296 
_exptl_crystal_grow.temp_details    ? 
_exptl_crystal_grow.pH              6.0 
_exptl_crystal_grow.pdbx_pH_range   ? 
_exptl_crystal_grow.pdbx_details    
;10% MPD, 40 mM Na Cacodylate, 12 mM spermine tetra-HCl, 80 mM sodium chloride and 20 mM barium chloride, pH 6.0, vapor diffusion, sitting drop, temperature 296K
;
# 
_diffrn.id                     1 
_diffrn.ambient_temp           100 
_diffrn.ambient_temp_details   ? 
_diffrn.crystal_id             1 
# 
_diffrn_detector.diffrn_id              1 
_diffrn_detector.detector               CCD 
_diffrn_detector.type                   'OXFORD ONYX CCD' 
_diffrn_detector.pdbx_collection_date   2011-08-14 
_diffrn_detector.details                ? 
# 
_diffrn_radiation.diffrn_id                        1 
_diffrn_radiation.wavelength_id                    1 
_diffrn_radiation.pdbx_monochromatic_or_laue_m_l   M 
_diffrn_radiation.monochromator                    ? 
_diffrn_radiation.pdbx_diffrn_protocol             'SINGLE WAVELENGTH' 
_diffrn_radiation.pdbx_scattering_type             x-ray 
# 
_diffrn_radiation_wavelength.id           1 
_diffrn_radiation_wavelength.wavelength   1.542 
_diffrn_radiation_wavelength.wt           1.0 
# 
_diffrn_source.diffrn_id                   1 
_diffrn_source.source                      'SEALED TUBE' 
_diffrn_source.type                        'OXFORD DIFFRACTION ENHANCE ULTRA' 
_diffrn_source.pdbx_synchrotron_site       ? 
_diffrn_source.pdbx_synchrotron_beamline   ? 
_diffrn_source.pdbx_wavelength             ? 
_diffrn_source.pdbx_wavelength_list        1.542 
# 
_reflns.pdbx_diffrn_id               1 
_reflns.pdbx_ordinal                 1 
_reflns.entry_id                     4L5K 
_reflns.observed_criterion_sigma_I   -3.000 
_reflns.observed_criterion_sigma_F   ? 
_reflns.d_resolution_low             14.78 
_reflns.d_resolution_high            2.7 
_reflns.number_obs                   558 
_reflns.number_all                   ? 
_reflns.percent_possible_obs         97.000 
_reflns.pdbx_Rmerge_I_obs            0.092 
_reflns.pdbx_Rsym_value              ? 
_reflns.pdbx_netI_over_sigmaI        18.990 
_reflns.B_iso_Wilson_estimate        ? 
_reflns.pdbx_redundancy              ? 
_reflns.R_free_details               ? 
_reflns.pdbx_chi_squared             ? 
_reflns.pdbx_scaling_rejects         ? 
# 
loop_
_reflns_shell.pdbx_diffrn_id 
_reflns_shell.pdbx_ordinal 
_reflns_shell.d_res_high 
_reflns_shell.d_res_low 
_reflns_shell.percent_possible_all 
_reflns_shell.Rmerge_I_obs 
_reflns_shell.pdbx_Rsym_value 
_reflns_shell.meanI_over_sigI_obs 
_reflns_shell.pdbx_redundancy 
_reflns_shell.percent_possible_obs 
_reflns_shell.number_unique_all 
_reflns_shell.number_measured_all 
_reflns_shell.number_measured_obs 
_reflns_shell.number_unique_obs 
_reflns_shell.pdbx_chi_squared 
1 1 2.990 3.160 87.900  0.776 ? 3.690  ? ? ? ? ? ? ? 
1 2 3.160 3.370 98.500  0.154 ? 8.710  ? ? ? ? ? ? ? 
1 3 3.370 3.620 100.000 0.113 ? 17.090 ? ? ? ? ? ? ? 
1 4 3.620 3.940 100.000 0.141 ? 15.730 ? ? ? ? ? ? ? 
1 5 3.940 4.350 100.000 0.119 ? 18.830 ? ? ? ? ? ? ? 
1 6 4.350 4.940 100.000 0.068 ? 25.660 ? ? ? ? ? ? ? 
1 7 4.940 5.850 100.000 0.063 ? 33.530 ? ? ? ? ? ? ? 
1 8 5.850 7.570 100.000 0.055 ? 31.870 ? ? ? ? ? ? ? 
1 9 7.570 ?     86.100  0.050 ? 32.030 ? ? ? ? ? ? ? 
# 
_refine.pdbx_refine_id                           'X-RAY DIFFRACTION' 
_refine.entry_id                                 4L5K 
_refine.pdbx_diffrn_id                           1 
_refine.pdbx_TLS_residual_ADP_flag               ? 
_refine.ls_number_reflns_obs                     558 
_refine.ls_number_reflns_all                     ? 
_refine.pdbx_ls_sigma_I                          ? 
_refine.pdbx_ls_sigma_F                          . 
_refine.pdbx_data_cutoff_high_absF               ? 
_refine.pdbx_data_cutoff_low_absF                ? 
_refine.pdbx_data_cutoff_high_rms_absF           ? 
_refine.ls_d_res_low                             14.78 
_refine.ls_d_res_high                            2.71 
_refine.ls_percent_reflns_obs                    98.59 
_refine.ls_R_factor_obs                          0.26710 
_refine.ls_R_factor_all                          ? 
_refine.ls_R_factor_R_work                       0.26710 
_refine.ls_R_factor_R_free                       ? 
_refine.ls_R_factor_R_free_error                 ? 
_refine.ls_R_factor_R_free_error_details         ? 
_refine.ls_percent_reflns_R_free                 ? 
_refine.ls_number_reflns_R_free                  ? 
_refine.ls_number_parameters                     ? 
_refine.ls_number_restraints                     ? 
_refine.occupancy_min                            0.500 
_refine.occupancy_max                            1.000 
_refine.correlation_coeff_Fo_to_Fc               0.932 
_refine.correlation_coeff_Fo_to_Fc_free          ? 
_refine.B_iso_mean                               93.273 
_refine.aniso_B[1][1]                            2.11 
_refine.aniso_B[2][2]                            2.11 
_refine.aniso_B[3][3]                            -6.85 
_refine.aniso_B[1][2]                            1.06 
_refine.aniso_B[1][3]                            -0.00 
_refine.aniso_B[2][3]                            -0.00 
_refine.solvent_model_details                    MASK 
_refine.solvent_model_param_ksol                 ? 
_refine.solvent_model_param_bsol                 ? 
_refine.pdbx_solvent_vdw_probe_radii             1.20 
_refine.pdbx_solvent_ion_probe_radii             0.80 
_refine.pdbx_solvent_shrinkage_radii             0.80 
_refine.pdbx_ls_cross_valid_method               ? 
_refine.details                                  'HYDROGENS HAVE BEEN USED IF PRESENT IN THE INPUT' 
_refine.pdbx_starting_model                      'PDB ENTRY 3FT6' 
_refine.pdbx_method_to_determine_struct          'MOLECULAR REPLACEMENT' 
_refine.pdbx_isotropic_thermal_model             ? 
_refine.pdbx_stereochemistry_target_values       'MAXIMUM LIKELIHOOD' 
_refine.pdbx_stereochem_target_val_spec_case     ? 
_refine.pdbx_R_Free_selection_details            ? 
_refine.pdbx_overall_ESU_R                       ? 
_refine.pdbx_overall_ESU_R_Free                  ? 
_refine.overall_SU_ML                            0.447 
_refine.pdbx_overall_phase_error                 ? 
_refine.overall_SU_B                             28.317 
_refine.overall_SU_R_Cruickshank_DPI             ? 
_refine.pdbx_overall_SU_R_free_Cruickshank_DPI   ? 
_refine.pdbx_overall_SU_R_Blow_DPI               ? 
_refine.pdbx_overall_SU_R_free_Blow_DPI          ? 
_refine.ls_redundancy_reflns_obs                 ? 
_refine.overall_SU_R_free                        ? 
_refine.ls_wR_factor_R_free                      ? 
_refine.ls_wR_factor_R_work                      ? 
_refine.overall_FOM_free_R_set                   ? 
_refine.overall_FOM_work_R_set                   ? 
# 
_refine_hist.pdbx_refine_id                   'X-RAY DIFFRACTION' 
_refine_hist.cycle_id                         LAST 
_refine_hist.pdbx_number_atoms_protein        0 
_refine_hist.pdbx_number_atoms_nucleic_acid   120 
_refine_hist.pdbx_number_atoms_ligand         24 
_refine_hist.number_atoms_solvent             3 
_refine_hist.number_atoms_total               147 
_refine_hist.d_res_high                       2.71 
_refine_hist.d_res_low                        14.78 
# 
loop_
_refine_ls_restr.type 
_refine_ls_restr.dev_ideal 
_refine_ls_restr.dev_ideal_target 
_refine_ls_restr.weight 
_refine_ls_restr.number 
_refine_ls_restr.pdbx_refine_id 
_refine_ls_restr.pdbx_restraint_function 
r_bond_refined_d             0.013  0.012 ? 163 'X-RAY DIFFRACTION' ? 
r_bond_other_d               ?      ?     ? ?   'X-RAY DIFFRACTION' ? 
r_angle_refined_deg          2.922  1.480 ? 249 'X-RAY DIFFRACTION' ? 
r_angle_other_deg            ?      ?     ? ?   'X-RAY DIFFRACTION' ? 
r_dihedral_angle_1_deg       ?      ?     ? ?   'X-RAY DIFFRACTION' ? 
r_dihedral_angle_2_deg       ?      ?     ? ?   'X-RAY DIFFRACTION' ? 
r_dihedral_angle_3_deg       ?      ?     ? ?   'X-RAY DIFFRACTION' ? 
r_dihedral_angle_4_deg       ?      ?     ? ?   'X-RAY DIFFRACTION' ? 
r_chiral_restr               0.107  0.200 ? 18  'X-RAY DIFFRACTION' ? 
r_gen_planes_refined         0.011  0.020 ? 87  'X-RAY DIFFRACTION' ? 
r_gen_planes_other           ?      ?     ? ?   'X-RAY DIFFRACTION' ? 
r_nbd_refined                ?      ?     ? ?   'X-RAY DIFFRACTION' ? 
r_nbd_other                  ?      ?     ? ?   'X-RAY DIFFRACTION' ? 
r_nbtor_refined              ?      ?     ? ?   'X-RAY DIFFRACTION' ? 
r_nbtor_other                ?      ?     ? ?   'X-RAY DIFFRACTION' ? 
r_xyhbond_nbd_refined        ?      ?     ? ?   'X-RAY DIFFRACTION' ? 
r_xyhbond_nbd_other          ?      ?     ? ?   'X-RAY DIFFRACTION' ? 
r_metal_ion_refined          ?      ?     ? ?   'X-RAY DIFFRACTION' ? 
r_metal_ion_other            ?      ?     ? ?   'X-RAY DIFFRACTION' ? 
r_symmetry_vdw_refined       ?      ?     ? ?   'X-RAY DIFFRACTION' ? 
r_symmetry_vdw_other         ?      ?     ? ?   'X-RAY DIFFRACTION' ? 
r_symmetry_hbond_refined     ?      ?     ? ?   'X-RAY DIFFRACTION' ? 
r_symmetry_hbond_other       ?      ?     ? ?   'X-RAY DIFFRACTION' ? 
r_symmetry_metal_ion_refined ?      ?     ? ?   'X-RAY DIFFRACTION' ? 
r_symmetry_metal_ion_other   ?      ?     ? ?   'X-RAY DIFFRACTION' ? 
r_mcbond_it                  ?      ?     ? ?   'X-RAY DIFFRACTION' ? 
r_mcbond_other               ?      ?     ? ?   'X-RAY DIFFRACTION' ? 
r_mcangle_it                 ?      ?     ? ?   'X-RAY DIFFRACTION' ? 
r_mcangle_other              ?      ?     ? ?   'X-RAY DIFFRACTION' ? 
r_scbond_it                  10.411 9.365 ? 163 'X-RAY DIFFRACTION' ? 
r_scbond_other               ?      ?     ? ?   'X-RAY DIFFRACTION' ? 
r_scangle_it                 ?      ?     ? ?   'X-RAY DIFFRACTION' ? 
r_scangle_other              ?      ?     ? ?   'X-RAY DIFFRACTION' ? 
r_long_range_B_refined       ?      ?     ? ?   'X-RAY DIFFRACTION' ? 
r_long_range_B_other         ?      ?     ? ?   'X-RAY DIFFRACTION' ? 
r_rigid_bond_restr           ?      ?     ? ?   'X-RAY DIFFRACTION' ? 
r_sphericity_free            ?      ?     ? ?   'X-RAY DIFFRACTION' ? 
r_sphericity_bonded          ?      ?     ? ?   'X-RAY DIFFRACTION' ? 
# 
_refine_ls_shell.pdbx_refine_id                   'X-RAY DIFFRACTION' 
_refine_ls_shell.pdbx_total_number_of_bins_used   20 
_refine_ls_shell.d_res_high                       2.706 
_refine_ls_shell.d_res_low                        2.774 
_refine_ls_shell.number_reflns_R_work             32 
_refine_ls_shell.R_factor_R_work                  0.812 
_refine_ls_shell.percent_reflns_obs               96.97 
_refine_ls_shell.R_factor_R_free                  ? 
_refine_ls_shell.R_factor_R_free_error            ? 
_refine_ls_shell.percent_reflns_R_free            ? 
_refine_ls_shell.number_reflns_R_free             0 
_refine_ls_shell.number_reflns_all                ? 
_refine_ls_shell.R_factor_all                     ? 
_refine_ls_shell.redundancy_reflns_obs            ? 
_refine_ls_shell.number_reflns_obs                ? 
# 
_struct.entry_id                  4L5K 
_struct.title                     'Crystal structure of the complex of DNA hexamer d(CGATCG) with Coptisine' 
_struct.pdbx_model_details        ? 
_struct.pdbx_CASP_flag            ? 
_struct.pdbx_model_type_details   ? 
# 
_struct_keywords.entry_id        4L5K 
_struct_keywords.text            'DRUG-DNA COMPLEX, Isoquinoline alkaloid, DNA' 
_struct_keywords.pdbx_keywords   DNA 
# 
loop_
_struct_asym.id 
_struct_asym.pdbx_blank_PDB_chainid_flag 
_struct_asym.pdbx_modified 
_struct_asym.entity_id 
_struct_asym.details 
A N N 1 ? 
B N N 2 ? 
C N N 3 ? 
# 
_struct_biol.id        1 
_struct_biol.details   ? 
# 
loop_
_struct_conn.id 
_struct_conn.conn_type_id 
_struct_conn.pdbx_leaving_atom_flag 
_struct_conn.pdbx_PDB_id 
_struct_conn.ptnr1_label_asym_id 
_struct_conn.ptnr1_label_comp_id 
_struct_conn.ptnr1_label_seq_id 
_struct_conn.ptnr1_label_atom_id 
_struct_conn.pdbx_ptnr1_label_alt_id 
_struct_conn.pdbx_ptnr1_PDB_ins_code 
_struct_conn.pdbx_ptnr1_standard_comp_id 
_struct_conn.ptnr1_symmetry 
_struct_conn.ptnr2_label_asym_id 
_struct_conn.ptnr2_label_comp_id 
_struct_conn.ptnr2_label_seq_id 
_struct_conn.ptnr2_label_atom_id 
_struct_conn.pdbx_ptnr2_label_alt_id 
_struct_conn.pdbx_ptnr2_PDB_ins_code 
_struct_conn.ptnr1_auth_asym_id 
_struct_conn.ptnr1_auth_comp_id 
_struct_conn.ptnr1_auth_seq_id 
_struct_conn.ptnr2_auth_asym_id 
_struct_conn.ptnr2_auth_comp_id 
_struct_conn.ptnr2_auth_seq_id 
_struct_conn.ptnr2_symmetry 
_struct_conn.pdbx_ptnr3_label_atom_id 
_struct_conn.pdbx_ptnr3_label_seq_id 
_struct_conn.pdbx_ptnr3_label_comp_id 
_struct_conn.pdbx_ptnr3_label_asym_id 
_struct_conn.pdbx_ptnr3_label_alt_id 
_struct_conn.pdbx_ptnr3_PDB_ins_code 
_struct_conn.details 
_struct_conn.pdbx_dist_value 
_struct_conn.pdbx_value_order 
_struct_conn.pdbx_role 
hydrog1  hydrog ? ? A DC 1 N4 ? ? ? 1_555 A DG 6 O6 ? ? A DC 1 A DG 6 10_555 ? ? ? ? ? ? 'DC-DG PAIR' ? ? ? 
hydrog2  hydrog ? ? A DG 2 N1 ? ? ? 1_555 A DC 5 N3 ? ? A DG 2 A DC 5 10_555 ? ? ? ? ? ? WATSON-CRICK ? ? ? 
hydrog3  hydrog ? ? A DG 2 N2 ? ? ? 1_555 A DC 5 O2 ? ? A DG 2 A DC 5 10_555 ? ? ? ? ? ? WATSON-CRICK ? ? ? 
hydrog4  hydrog ? ? A DG 2 O6 ? ? ? 1_555 A DC 5 N4 ? ? A DG 2 A DC 5 10_555 ? ? ? ? ? ? WATSON-CRICK ? ? ? 
hydrog5  hydrog ? ? A DA 3 N1 ? ? ? 1_555 A DT 4 N3 ? ? A DA 3 A DT 4 10_555 ? ? ? ? ? ? WATSON-CRICK ? ? ? 
hydrog6  hydrog ? ? A DA 3 N6 ? ? ? 1_555 A DT 4 O4 ? ? A DA 3 A DT 4 10_555 ? ? ? ? ? ? WATSON-CRICK ? ? ? 
hydrog7  hydrog ? ? A DT 4 N3 ? ? ? 1_555 A DA 3 N1 ? ? A DT 4 A DA 3 10_555 ? ? ? ? ? ? WATSON-CRICK ? ? ? 
hydrog8  hydrog ? ? A DT 4 O4 ? ? ? 1_555 A DA 3 N6 ? ? A DT 4 A DA 3 10_555 ? ? ? ? ? ? WATSON-CRICK ? ? ? 
hydrog9  hydrog ? ? A DC 5 N3 ? ? ? 1_555 A DG 2 N1 ? ? A DC 5 A DG 2 10_555 ? ? ? ? ? ? WATSON-CRICK ? ? ? 
hydrog10 hydrog ? ? A DC 5 N4 ? ? ? 1_555 A DG 2 O6 ? ? A DC 5 A DG 2 10_555 ? ? ? ? ? ? WATSON-CRICK ? ? ? 
hydrog11 hydrog ? ? A DC 5 O2 ? ? ? 1_555 A DG 2 N2 ? ? A DC 5 A DG 2 10_555 ? ? ? ? ? ? WATSON-CRICK ? ? ? 
hydrog12 hydrog ? ? A DG 6 O6 ? ? ? 1_555 A DC 1 N4 ? ? A DG 6 A DC 1 10_555 ? ? ? ? ? ? 'DG-DC PAIR' ? ? ? 
# 
_struct_conn_type.id          hydrog 
_struct_conn_type.criteria    ? 
_struct_conn_type.reference   ? 
# 
_struct_site.id                   AC1 
_struct_site.pdbx_evidence_code   Software 
_struct_site.pdbx_auth_asym_id    A 
_struct_site.pdbx_auth_comp_id    KPT 
_struct_site.pdbx_auth_seq_id     101 
_struct_site.pdbx_auth_ins_code   ? 
_struct_site.pdbx_num_residues    7 
_struct_site.details              'BINDING SITE FOR RESIDUE KPT A 101' 
# 
loop_
_struct_site_gen.id 
_struct_site_gen.site_id 
_struct_site_gen.pdbx_num_res 
_struct_site_gen.label_comp_id 
_struct_site_gen.label_asym_id 
_struct_site_gen.label_seq_id 
_struct_site_gen.pdbx_auth_ins_code 
_struct_site_gen.auth_comp_id 
_struct_site_gen.auth_asym_id 
_struct_site_gen.auth_seq_id 
_struct_site_gen.label_atom_id 
_struct_site_gen.label_alt_id 
_struct_site_gen.symmetry 
_struct_site_gen.details 
1 AC1 7 DC A 1 ? DC A 1 . ? 10_555 ? 
2 AC1 7 DG A 2 ? DG A 2 . ? 10_555 ? 
3 AC1 7 DG A 2 ? DG A 2 . ? 6_554  ? 
4 AC1 7 DC A 5 ? DC A 5 . ? 8_555  ? 
5 AC1 7 DC A 5 ? DC A 5 . ? 1_555  ? 
6 AC1 7 DG A 6 ? DG A 6 . ? 1_555  ? 
7 AC1 7 DG A 6 ? DG A 6 . ? 8_555  ? 
# 
_atom_sites.entry_id                    4L5K 
_atom_sites.fract_transf_matrix[1][1]   -0.03214587 
_atom_sites.fract_transf_matrix[1][2]   -0.01687982 
_atom_sites.fract_transf_matrix[1][3]   0.02384979 
_atom_sites.fract_transf_matrix[2][1]   -0.01450509 
_atom_sites.fract_transf_matrix[2][2]   -0.04008541 
_atom_sites.fract_transf_matrix[2][3]   -0.00835959 
_atom_sites.fract_transf_matrix[3][1]   0.00870772 
_atom_sites.fract_transf_matrix[3][2]   -0.00487849 
_atom_sites.fract_transf_matrix[3][3]   0.00828389 
_atom_sites.fract_transf_vector[1]      -0.194423 
_atom_sites.fract_transf_vector[2]      0.313907 
_atom_sites.fract_transf_vector[3]      0.048343 
# 
loop_
_atom_type.symbol 
C 
K 
N 
O 
P 
# 
loop_
_atom_site.group_PDB 
_atom_site.id 
_atom_site.type_symbol 
_atom_site.label_atom_id 
_atom_site.label_alt_id 
_atom_site.label_comp_id 
_atom_site.label_asym_id 
_atom_site.label_entity_id 
_atom_site.label_seq_id 
_atom_site.pdbx_PDB_ins_code 
_atom_site.Cartn_x 
_atom_site.Cartn_y 
_atom_site.Cartn_z 
_atom_site.occupancy 
_atom_site.B_iso_or_equiv 
_atom_site.pdbx_formal_charge 
_atom_site.auth_seq_id 
_atom_site.auth_comp_id 
_atom_site.auth_asym_id 
_atom_site.auth_atom_id 
_atom_site.pdbx_PDB_model_num 
ATOM   1   O "O5'" . DC  A 1 1 ? 5.933  -10.012 -1.636 1.00 81.98  ? 1   DC  A "O5'" 1 
ATOM   2   C "C5'" . DC  A 1 1 ? 6.659  -9.832  -0.399 1.00 104.23 ? 1   DC  A "C5'" 1 
ATOM   3   C "C4'" . DC  A 1 1 ? 6.210  -10.845 0.630  1.00 121.71 ? 1   DC  A "C4'" 1 
ATOM   4   O "O4'" . DC  A 1 1 ? 7.244  -10.977 1.640  1.00 124.22 ? 1   DC  A "O4'" 1 
ATOM   5   C "C3'" . DC  A 1 1 ? 4.926  -10.477 1.384  1.00 132.66 ? 1   DC  A "C3'" 1 
ATOM   6   O "O3'" . DC  A 1 1 ? 4.094  -11.623 1.686  1.00 152.47 ? 1   DC  A "O3'" 1 
ATOM   7   C "C2'" . DC  A 1 1 ? 5.461  -9.840  2.657  1.00 133.47 ? 1   DC  A "C2'" 1 
ATOM   8   C "C1'" . DC  A 1 1 ? 6.704  -10.679 2.922  1.00 126.50 ? 1   DC  A "C1'" 1 
ATOM   9   N N1    . DC  A 1 1 ? 7.765  -10.041 3.730  1.00 114.78 ? 1   DC  A N1    1 
ATOM   10  C C2    . DC  A 1 1 ? 7.604  -9.957  5.119  1.00 101.66 ? 1   DC  A C2    1 
ATOM   11  O O2    . DC  A 1 1 ? 6.565  -10.395 5.631  1.00 93.28  ? 1   DC  A O2    1 
ATOM   12  N N3    . DC  A 1 1 ? 8.584  -9.395  5.865  1.00 95.39  ? 1   DC  A N3    1 
ATOM   13  C C4    . DC  A 1 1 ? 9.694  -8.942  5.278  1.00 104.28 ? 1   DC  A C4    1 
ATOM   14  N N4    . DC  A 1 1 ? 10.637 -8.401  6.054  1.00 100.40 ? 1   DC  A N4    1 
ATOM   15  C C5    . DC  A 1 1 ? 9.889  -9.025  3.866  1.00 115.00 ? 1   DC  A C5    1 
ATOM   16  C C6    . DC  A 1 1 ? 8.908  -9.579  3.138  1.00 115.45 ? 1   DC  A C6    1 
ATOM   17  P P     . DG  A 1 2 ? 2.650  -11.886 0.936  1.00 162.11 ? 2   DG  A P     1 
ATOM   18  O OP1   . DG  A 1 2 ? 2.287  -13.321 1.097  1.00 140.11 ? 2   DG  A OP1   1 
ATOM   19  O OP2   . DG  A 1 2 ? 2.691  -11.275 -0.423 1.00 166.24 ? 2   DG  A OP2   1 
ATOM   20  O "O5'" . DG  A 1 2 ? 1.571  -11.139 1.844  1.00 148.42 ? 2   DG  A "O5'" 1 
ATOM   21  C "C5'" . DG  A 1 2 ? 1.913  -10.045 2.722  1.00 132.03 ? 2   DG  A "C5'" 1 
ATOM   22  C "C4'" . DG  A 1 2 ? 1.298  -8.756  2.227  1.00 107.58 ? 2   DG  A "C4'" 1 
ATOM   23  O "O4'" . DG  A 1 2 ? 2.141  -7.643  2.607  1.00 92.97  ? 2   DG  A "O4'" 1 
ATOM   24  C "C3'" . DG  A 1 2 ? 1.164  -8.656  0.706  1.00 109.50 ? 2   DG  A "C3'" 1 
ATOM   25  O "O3'" . DG  A 1 2 ? 0.123  -7.712  0.432  1.00 114.11 ? 2   DG  A "O3'" 1 
ATOM   26  C "C2'" . DG  A 1 2 ? 2.457  -7.965  0.317  1.00 92.03  ? 2   DG  A "C2'" 1 
ATOM   27  C "C1'" . DG  A 1 2 ? 2.459  -6.929  1.419  1.00 87.62  ? 2   DG  A "C1'" 1 
ATOM   28  N N9    . DG  A 1 2 ? 3.662  -6.145  1.654  1.00 74.93  ? 2   DG  A N9    1 
ATOM   29  C C8    . DG  A 1 2 ? 4.840  -6.142  0.946  1.00 69.40  ? 2   DG  A C8    1 
ATOM   30  N N7    . DG  A 1 2 ? 5.709  -5.281  1.402  1.00 73.12  ? 2   DG  A N7    1 
ATOM   31  C C5    . DG  A 1 2 ? 5.056  -4.663  2.461  1.00 74.32  ? 2   DG  A C5    1 
ATOM   32  C C6    . DG  A 1 2 ? 5.497  -3.642  3.352  1.00 64.93  ? 2   DG  A C6    1 
ATOM   33  O O6    . DG  A 1 2 ? 6.580  -3.056  3.375  1.00 60.09  ? 2   DG  A O6    1 
ATOM   34  N N1    . DG  A 1 2 ? 4.523  -3.327  4.293  1.00 70.30  ? 2   DG  A N1    1 
ATOM   35  C C2    . DG  A 1 2 ? 3.276  -3.905  4.364  1.00 79.92  ? 2   DG  A C2    1 
ATOM   36  N N2    . DG  A 1 2 ? 2.464  -3.454  5.334  1.00 76.06  ? 2   DG  A N2    1 
ATOM   37  N N3    . DG  A 1 2 ? 2.850  -4.847  3.535  1.00 80.09  ? 2   DG  A N3    1 
ATOM   38  C C4    . DG  A 1 2 ? 3.788  -5.179  2.621  1.00 78.37  ? 2   DG  A C4    1 
ATOM   39  P P     . DA  A 1 3 ? -1.321 -8.169  -0.086 1.00 111.80 ? 3   DA  A P     1 
ATOM   40  O OP1   . DA  A 1 3 ? -1.666 -9.476  0.539  1.00 122.95 ? 3   DA  A OP1   1 
ATOM   41  O OP2   . DA  A 1 3 ? -1.343 -8.036  -1.571 1.00 110.23 ? 3   DA  A OP2   1 
ATOM   42  O "O5'" . DA  A 1 3 ? -2.265 -7.058  0.553  1.00 108.82 ? 3   DA  A "O5'" 1 
ATOM   43  C "C5'" . DA  A 1 3 ? -3.198 -7.357  1.617  1.00 103.37 ? 3   DA  A "C5'" 1 
ATOM   44  C "C4'" . DA  A 1 3 ? -3.505 -6.101  2.401  1.00 92.90  ? 3   DA  A "C4'" 1 
ATOM   45  O "O4'" . DA  A 1 3 ? -2.261 -5.420  2.693  1.00 89.30  ? 3   DA  A "O4'" 1 
ATOM   46  C "C3'" . DA  A 1 3 ? -4.363 -5.074  1.670  1.00 98.87  ? 3   DA  A "C3'" 1 
ATOM   47  O "O3'" . DA  A 1 3 ? -5.070 -4.330  2.663  1.00 113.11 ? 3   DA  A "O3'" 1 
ATOM   48  C "C2'" . DA  A 1 3 ? -3.326 -4.183  1.003  1.00 93.15  ? 3   DA  A "C2'" 1 
ATOM   49  C "C1'" . DA  A 1 3 ? -2.207 -4.158  2.037  1.00 73.26  ? 3   DA  A "C1'" 1 
ATOM   50  N N9    . DA  A 1 3 ? -0.854 -3.983  1.500  1.00 53.80  ? 3   DA  A N9    1 
ATOM   51  C C8    . DA  A 1 3 ? -0.295 -4.656  0.446  1.00 51.08  ? 3   DA  A C8    1 
ATOM   52  N N7    . DA  A 1 3 ? 0.935  -4.292  0.177  1.00 50.13  ? 3   DA  A N7    1 
ATOM   53  C C5    . DA  A 1 3 ? 1.219  -3.342  1.146  1.00 41.40  ? 3   DA  A C5    1 
ATOM   54  C C6    . DA  A 1 3 ? 2.359  -2.569  1.398  1.00 38.14  ? 3   DA  A C6    1 
ATOM   55  N N6    . DA  A 1 3 ? 3.477  -2.641  0.679  1.00 33.27  ? 3   DA  A N6    1 
ATOM   56  N N1    . DA  A 1 3 ? 2.309  -1.694  2.425  1.00 41.87  ? 3   DA  A N1    1 
ATOM   57  C C2    . DA  A 1 3 ? 1.172  -1.591  3.123  1.00 40.97  ? 3   DA  A C2    1 
ATOM   58  N N3    . DA  A 1 3 ? 0.030  -2.250  2.969  1.00 43.96  ? 3   DA  A N3    1 
ATOM   59  C C4    . DA  A 1 3 ? 0.121  -3.126  1.954  1.00 44.39  ? 3   DA  A C4    1 
ATOM   60  P P     . DT  A 1 4 ? -5.733 -2.921  2.299  1.00 126.69 ? 4   DT  A P     1 
ATOM   61  O OP1   . DT  A 1 4 ? -7.182 -3.144  2.065  1.00 149.20 ? 4   DT  A OP1   1 
ATOM   62  O OP2   . DT  A 1 4 ? -4.917 -2.282  1.235  1.00 136.18 ? 4   DT  A OP2   1 
ATOM   63  O "O5'" . DT  A 1 4 ? -5.589 -2.090  3.648  1.00 96.79  ? 4   DT  A "O5'" 1 
ATOM   64  C "C5'" . DT  A 1 4 ? -4.304 -1.666  4.099  1.00 96.24  ? 4   DT  A "C5'" 1 
ATOM   65  C "C4'" . DT  A 1 4 ? -4.103 -0.199  3.804  1.00 102.08 ? 4   DT  A "C4'" 1 
ATOM   66  O "O4'" . DT  A 1 4 ? -2.766 -0.012  3.278  1.00 96.75  ? 4   DT  A "O4'" 1 
ATOM   67  C "C3'" . DT  A 1 4 ? -5.050 0.402   2.758  1.00 110.65 ? 4   DT  A "C3'" 1 
ATOM   68  O "O3'" . DT  A 1 4 ? -5.119 1.824   2.943  1.00 126.75 ? 4   DT  A "O3'" 1 
ATOM   69  C "C2'" . DT  A 1 4 ? -4.253 0.253   1.482  1.00 101.55 ? 4   DT  A "C2'" 1 
ATOM   70  C "C1'" . DT  A 1 4 ? -2.871 0.604   2.005  1.00 95.66  ? 4   DT  A "C1'" 1 
ATOM   71  N N1    . DT  A 1 4 ? -1.746 0.156   1.168  1.00 80.74  ? 4   DT  A N1    1 
ATOM   72  C C2    . DT  A 1 4 ? -0.550 0.814   1.320  1.00 71.72  ? 4   DT  A C2    1 
ATOM   73  O O2    . DT  A 1 4 ? -0.368 1.685   2.157  1.00 73.96  ? 4   DT  A O2    1 
ATOM   74  N N3    . DT  A 1 4 ? 0.439  0.404   0.462  1.00 68.32  ? 4   DT  A N3    1 
ATOM   75  C C4    . DT  A 1 4 ? 0.347  -0.570  -0.513 1.00 70.41  ? 4   DT  A C4    1 
ATOM   76  O O4    . DT  A 1 4 ? 1.325  -0.838  -1.205 1.00 84.50  ? 4   DT  A O4    1 
ATOM   77  C C5    . DT  A 1 4 ? -0.941 -1.209  -0.625 1.00 64.91  ? 4   DT  A C5    1 
ATOM   78  C C7    . DT  A 1 4 ? -1.134 -2.269  -1.661 1.00 61.15  ? 4   DT  A C7    1 
ATOM   79  C C6    . DT  A 1 4 ? -1.916 -0.806  0.197  1.00 70.09  ? 4   DT  A C6    1 
ATOM   80  P P     . DC  A 1 5 ? -6.524 2.633   2.989  1.00 104.88 ? 5   DC  A P     1 
ATOM   81  O OP1   . DC  A 1 5 ? -7.159 2.384   4.307  1.00 99.96  ? 5   DC  A OP1   1 
ATOM   82  O OP2   . DC  A 1 5 ? -7.281 2.374   1.717  1.00 83.25  ? 5   DC  A OP2   1 
ATOM   83  O "O5'" . DC  A 1 5 ? -6.027 4.146   3.112  1.00 121.65 ? 5   DC  A "O5'" 1 
ATOM   84  C "C5'" . DC  A 1 5 ? -4.697 4.505   3.592  1.00 121.21 ? 5   DC  A "C5'" 1 
ATOM   85  C "C4'" . DC  A 1 5 ? -4.078 5.564   2.704  1.00 119.22 ? 5   DC  A "C4'" 1 
ATOM   86  O "O4'" . DC  A 1 5 ? -3.099 4.947   1.826  1.00 101.63 ? 5   DC  A "O4'" 1 
ATOM   87  C "C3'" . DC  A 1 5 ? -5.080 6.287   1.791  1.00 123.77 ? 5   DC  A "C3'" 1 
ATOM   88  O "O3'" . DC  A 1 5 ? -4.960 7.716   1.755  1.00 133.31 ? 5   DC  A "O3'" 1 
ATOM   89  C "C2'" . DC  A 1 5 ? -4.808 5.701   0.419  1.00 107.37 ? 5   DC  A "C2'" 1 
ATOM   90  C "C1'" . DC  A 1 5 ? -3.335 5.368   0.494  1.00 95.00  ? 5   DC  A "C1'" 1 
ATOM   91  N N1    . DC  A 1 5 ? -2.974 4.272   -0.409 1.00 81.82  ? 5   DC  A N1    1 
ATOM   92  C C2    . DC  A 1 5 ? -1.638 3.894   -0.516 1.00 78.74  ? 5   DC  A C2    1 
ATOM   93  O O2    . DC  A 1 5 ? -0.797 4.478   0.182  1.00 95.29  ? 5   DC  A O2    1 
ATOM   94  N N3    . DC  A 1 5 ? -1.294 2.915   -1.389 1.00 66.79  ? 5   DC  A N3    1 
ATOM   95  C C4    . DC  A 1 5 ? -2.237 2.316   -2.121 1.00 64.30  ? 5   DC  A C4    1 
ATOM   96  N N4    . DC  A 1 5 ? -1.861 1.362   -2.971 1.00 64.32  ? 5   DC  A N4    1 
ATOM   97  C C5    . DC  A 1 5 ? -3.604 2.693   -2.038 1.00 77.74  ? 5   DC  A C5    1 
ATOM   98  C C6    . DC  A 1 5 ? -3.921 3.683   -1.195 1.00 84.37  ? 5   DC  A C6    1 
ATOM   99  P P     . DG  A 1 6 ? -5.810 8.585   0.674  1.00 137.16 ? 6   DG  A P     1 
ATOM   100 O OP1   . DG  A 1 6 ? -6.244 9.828   1.355  1.00 146.40 ? 6   DG  A OP1   1 
ATOM   101 O OP2   . DG  A 1 6 ? -6.814 7.701   -0.016 1.00 90.01  ? 6   DG  A OP2   1 
ATOM   102 O "O5'" . DG  A 1 6 ? -4.719 8.979   -0.424 1.00 149.93 ? 6   DG  A "O5'" 1 
ATOM   103 C "C5'" . DG  A 1 6 ? -3.844 10.121  -0.279 1.00 132.47 ? 6   DG  A "C5'" 1 
ATOM   104 C "C4'" . DG  A 1 6 ? -3.719 10.856  -1.595 1.00 126.64 ? 6   DG  A "C4'" 1 
ATOM   105 O "O4'" . DG  A 1 6 ? -3.234 9.964   -2.629 1.00 111.15 ? 6   DG  A "O4'" 1 
ATOM   106 C "C3'" . DG  A 1 6 ? -5.023 11.466  -2.129 1.00 129.05 ? 6   DG  A "C3'" 1 
ATOM   107 O "O3'" . DG  A 1 6 ? -4.871 12.868  -2.389 1.00 137.49 ? 6   DG  A "O3'" 1 
ATOM   108 C "C2'" . DG  A 1 6 ? -5.299 10.692  -3.411 1.00 110.41 ? 6   DG  A "C2'" 1 
ATOM   109 C "C1'" . DG  A 1 6 ? -3.904 10.285  -3.830 1.00 100.22 ? 6   DG  A "C1'" 1 
ATOM   110 N N9    . DG  A 1 6 ? -3.808 9.144   -4.740 1.00 96.55  ? 6   DG  A N9    1 
ATOM   111 C C8    . DG  A 1 6 ? -4.799 8.247   -5.068 1.00 95.57  ? 6   DG  A C8    1 
ATOM   112 N N7    . DG  A 1 6 ? -4.417 7.360   -5.948 1.00 84.01  ? 6   DG  A N7    1 
ATOM   113 C C5    . DG  A 1 6 ? -3.102 7.705   -6.235 1.00 82.00  ? 6   DG  A C5    1 
ATOM   114 C C6    . DG  A 1 6 ? -2.165 7.109   -7.121 1.00 80.59  ? 6   DG  A C6    1 
ATOM   115 O O6    . DG  A 1 6 ? -2.318 6.136   -7.868 1.00 92.76  ? 6   DG  A O6    1 
ATOM   116 N N1    . DG  A 1 6 ? -0.944 7.774   -7.097 1.00 78.68  ? 6   DG  A N1    1 
ATOM   117 C C2    . DG  A 1 6 ? -0.654 8.869   -6.321 1.00 80.42  ? 6   DG  A C2    1 
ATOM   118 N N2    . DG  A 1 6 ? 0.581  9.381   -6.455 1.00 70.54  ? 6   DG  A N2    1 
ATOM   119 N N3    . DG  A 1 6 ? -1.514 9.430   -5.487 1.00 86.13  ? 6   DG  A N3    1 
ATOM   120 C C4    . DG  A 1 6 ? -2.712 8.803   -5.497 1.00 86.67  ? 6   DG  A C4    1 
HETATM 121 C C36   . KPT B 2 . ? -0.653 2.834   -6.348 0.50 80.34  ? 101 KPT A C36   1 
HETATM 122 O O4    . KPT B 2 . ? -1.800 3.179   -5.462 0.50 85.67  ? 101 KPT A O4    1 
HETATM 123 O O3    . KPT B 2 . ? 0.374  3.815   -5.921 0.50 73.61  ? 101 KPT A O3    1 
HETATM 124 C C18   . KPT B 2 . ? -0.181 4.630   -4.967 0.50 75.50  ? 101 KPT A C18   1 
HETATM 125 C C13   . KPT B 2 . ? 0.386  5.695   -4.311 0.50 73.04  ? 101 KPT A C13   1 
HETATM 126 C C14   . KPT B 2 . ? 1.670  6.008   -4.608 0.50 82.67  ? 101 KPT A C14   1 
HETATM 127 C C17   . KPT B 2 . ? -1.451 4.271   -4.694 0.50 82.50  ? 101 KPT A C17   1 
HETATM 128 C C16   . KPT B 2 . ? -2.187 4.991   -3.751 0.50 81.72  ? 101 KPT A C16   1 
HETATM 129 C C15   . KPT B 2 . ? -1.596 6.074   -3.080 0.50 74.06  ? 101 KPT A C15   1 
HETATM 130 C C12   . KPT B 2 . ? -0.290 6.437   -3.367 0.50 70.50  ? 101 KPT A C12   1 
HETATM 131 C C11   . KPT B 2 . ? 0.361  7.507   -2.741 0.50 73.05  ? 101 KPT A C11   1 
HETATM 132 C C10   . KPT B 2 . ? 1.714  7.822   -3.077 0.50 78.12  ? 101 KPT A C10   1 
HETATM 133 N N     . KPT B 2 . ? 2.296  7.037   -4.046 0.50 85.51  ? 101 KPT A N     1 
HETATM 134 C C9    . KPT B 2 . ? 3.664  7.284   -4.486 0.50 90.04  ? 101 KPT A C9    1 
HETATM 135 C C8    . KPT B 2 . ? 3.726  8.813   -4.653 0.50 92.81  ? 101 KPT A C8    1 
HETATM 136 C C6    . KPT B 2 . ? 2.425  8.823   -2.525 0.50 80.30  ? 101 KPT A C6    1 
HETATM 137 C C5    . KPT B 2 . ? 3.480  9.366   -3.260 0.50 88.32  ? 101 KPT A C5    1 
HETATM 138 C C4    . KPT B 2 . ? 4.301  10.372  -2.747 0.50 84.97  ? 101 KPT A C4    1 
HETATM 139 C C7    . KPT B 2 . ? 2.174  9.241   -1.225 0.50 78.64  ? 101 KPT A C7    1 
HETATM 140 C C3    . KPT B 2 . ? 2.993  10.244  -0.742 0.50 85.08  ? 101 KPT A C3    1 
HETATM 141 C C2    . KPT B 2 . ? 4.006  10.785  -1.469 0.50 87.64  ? 101 KPT A C2    1 
HETATM 142 O O2    . KPT B 2 . ? 4.644  11.740  -0.730 0.50 101.85 ? 101 KPT A O2    1 
HETATM 143 O O1    . KPT B 2 . ? 2.964  10.848  0.482  0.50 97.02  ? 101 KPT A O1    1 
HETATM 144 C C1    . KPT B 2 . ? 4.222  11.565  0.666  0.50 99.72  ? 101 KPT A C1    1 
HETATM 145 O O     . HOH C 3 . ? 7.913  -6.352  -0.639 1.00 84.78  ? 201 HOH A O     1 
HETATM 146 O O     . HOH C 3 . ? 2.354  -10.398 -5.355 1.00 56.54  ? 202 HOH A O     1 
HETATM 147 O O     . HOH C 3 . ? -2.197 -14.811 -3.720 0.50 24.81  ? 203 HOH A O     1 
# 
loop_
_pdbx_poly_seq_scheme.asym_id 
_pdbx_poly_seq_scheme.entity_id 
_pdbx_poly_seq_scheme.seq_id 
_pdbx_poly_seq_scheme.mon_id 
_pdbx_poly_seq_scheme.ndb_seq_num 
_pdbx_poly_seq_scheme.pdb_seq_num 
_pdbx_poly_seq_scheme.auth_seq_num 
_pdbx_poly_seq_scheme.pdb_mon_id 
_pdbx_poly_seq_scheme.auth_mon_id 
_pdbx_poly_seq_scheme.pdb_strand_id 
_pdbx_poly_seq_scheme.pdb_ins_code 
_pdbx_poly_seq_scheme.hetero 
A 1 1 DC 1 1 1 DC DC A . n 
A 1 2 DG 2 2 2 DG DG A . n 
A 1 3 DA 3 3 3 DA DA A . n 
A 1 4 DT 4 4 4 DT DT A . n 
A 1 5 DC 5 5 5 DC DC A . n 
A 1 6 DG 6 6 6 DG DG A . n 
# 
loop_
_pdbx_nonpoly_scheme.asym_id 
_pdbx_nonpoly_scheme.entity_id 
_pdbx_nonpoly_scheme.mon_id 
_pdbx_nonpoly_scheme.ndb_seq_num 
_pdbx_nonpoly_scheme.pdb_seq_num 
_pdbx_nonpoly_scheme.auth_seq_num 
_pdbx_nonpoly_scheme.pdb_mon_id 
_pdbx_nonpoly_scheme.auth_mon_id 
_pdbx_nonpoly_scheme.pdb_strand_id 
_pdbx_nonpoly_scheme.pdb_ins_code 
B 2 KPT 1 101 1 KPT KPT A . 
C 3 HOH 1 201 1 HOH HOH A . 
C 3 HOH 2 202 2 HOH HOH A . 
C 3 HOH 3 203 3 HOH HOH A . 
# 
_pdbx_struct_assembly.id                   1 
_pdbx_struct_assembly.details              author_and_software_defined_assembly 
_pdbx_struct_assembly.method_details       PISA 
_pdbx_struct_assembly.oligomeric_details   dimeric 
_pdbx_struct_assembly.oligomeric_count     2 
# 
_pdbx_struct_assembly_gen.assembly_id       1 
_pdbx_struct_assembly_gen.oper_expression   1,2 
_pdbx_struct_assembly_gen.asym_id_list      A,B,C 
# 
loop_
_pdbx_struct_assembly_prop.biol_id 
_pdbx_struct_assembly_prop.type 
_pdbx_struct_assembly_prop.value 
_pdbx_struct_assembly_prop.details 
1 'ABSA (A^2)' 570  ? 
1 MORE         -11  ? 
1 'SSA (A^2)'  2810 ? 
# 
loop_
_pdbx_struct_oper_list.id 
_pdbx_struct_oper_list.type 
_pdbx_struct_oper_list.name 
_pdbx_struct_oper_list.symmetry_operation 
_pdbx_struct_oper_list.matrix[1][1] 
_pdbx_struct_oper_list.matrix[1][2] 
_pdbx_struct_oper_list.matrix[1][3] 
_pdbx_struct_oper_list.vector[1] 
_pdbx_struct_oper_list.matrix[2][1] 
_pdbx_struct_oper_list.matrix[2][2] 
_pdbx_struct_oper_list.matrix[2][3] 
_pdbx_struct_oper_list.vector[2] 
_pdbx_struct_oper_list.matrix[3][1] 
_pdbx_struct_oper_list.matrix[3][2] 
_pdbx_struct_oper_list.matrix[3][3] 
_pdbx_struct_oper_list.vector[3] 
1 'identity operation'         1_555  x,y,z        1.0000000000  0.0000000000  0.0000000000  0.0000000000 0.0000000000  1.0000000000  0.0000000000 0.0000000000 0.0000000000  0.0000000000 1.0000000000 0.0000000000 
2 'crystal symmetry operation' 10_555 -y,-x,-z+1/6 -0.6701817700 -0.4338469496 -0.6021903515 5.5909607816 -0.4338469496 -0.4293123952 0.7921285828 0.3755468487 -0.6021903515 0.7921285828 0.0994941652 2.7915939366 
# 
_pdbx_struct_special_symmetry.id              1 
_pdbx_struct_special_symmetry.PDB_model_num   1 
_pdbx_struct_special_symmetry.auth_asym_id    A 
_pdbx_struct_special_symmetry.auth_comp_id    KPT 
_pdbx_struct_special_symmetry.auth_seq_id     101 
_pdbx_struct_special_symmetry.PDB_ins_code    ? 
_pdbx_struct_special_symmetry.label_asym_id   B 
_pdbx_struct_special_symmetry.label_comp_id   KPT 
_pdbx_struct_special_symmetry.label_seq_id    . 
# 
loop_
_pdbx_audit_revision_history.ordinal 
_pdbx_audit_revision_history.data_content_type 
_pdbx_audit_revision_history.major_revision 
_pdbx_audit_revision_history.minor_revision 
_pdbx_audit_revision_history.revision_date 
1 'Structure model' 1 0 2014-07-02 
2 'Structure model' 1 1 2023-09-20 
# 
_pdbx_audit_revision_details.ordinal             1 
_pdbx_audit_revision_details.revision_ordinal    1 
_pdbx_audit_revision_details.data_content_type   'Structure model' 
_pdbx_audit_revision_details.provider            repository 
_pdbx_audit_revision_details.type                'Initial release' 
_pdbx_audit_revision_details.description         ? 
_pdbx_audit_revision_details.details             ? 
# 
loop_
_pdbx_audit_revision_group.ordinal 
_pdbx_audit_revision_group.revision_ordinal 
_pdbx_audit_revision_group.data_content_type 
_pdbx_audit_revision_group.group 
1 2 'Structure model' 'Data collection'        
2 2 'Structure model' 'Database references'    
3 2 'Structure model' 'Derived calculations'   
4 2 'Structure model' 'Refinement description' 
# 
loop_
_pdbx_audit_revision_category.ordinal 
_pdbx_audit_revision_category.revision_ordinal 
_pdbx_audit_revision_category.data_content_type 
_pdbx_audit_revision_category.category 
1 2 'Structure model' chem_comp_atom                
2 2 'Structure model' chem_comp_bond                
3 2 'Structure model' database_2                    
4 2 'Structure model' pdbx_initial_refinement_model 
5 2 'Structure model' struct_site                   
# 
loop_
_pdbx_audit_revision_item.ordinal 
_pdbx_audit_revision_item.revision_ordinal 
_pdbx_audit_revision_item.data_content_type 
_pdbx_audit_revision_item.item 
1 2 'Structure model' '_database_2.pdbx_DOI'                
2 2 'Structure model' '_database_2.pdbx_database_accession' 
3 2 'Structure model' '_struct_site.pdbx_auth_asym_id'      
4 2 'Structure model' '_struct_site.pdbx_auth_comp_id'      
5 2 'Structure model' '_struct_site.pdbx_auth_seq_id'       
# 
_pdbx_phasing_MR.entry_id                     4L5K 
_pdbx_phasing_MR.method_rotation              ? 
_pdbx_phasing_MR.method_translation           ? 
_pdbx_phasing_MR.model_details                ? 
_pdbx_phasing_MR.R_factor                     ? 
_pdbx_phasing_MR.R_rigid_body                 ? 
_pdbx_phasing_MR.correlation_coeff_Fo_to_Fc   ? 
_pdbx_phasing_MR.correlation_coeff_Io_to_Ic   ? 
_pdbx_phasing_MR.d_res_high_rotation          3.500 
_pdbx_phasing_MR.d_res_low_rotation           14.690 
_pdbx_phasing_MR.d_res_high_translation       3.500 
_pdbx_phasing_MR.d_res_low_translation        14.690 
_pdbx_phasing_MR.packing                      ? 
_pdbx_phasing_MR.reflns_percent_rotation      ? 
_pdbx_phasing_MR.reflns_percent_translation   ? 
_pdbx_phasing_MR.sigma_F_rotation             ? 
_pdbx_phasing_MR.sigma_F_translation          ? 
_pdbx_phasing_MR.sigma_I_rotation             ? 
_pdbx_phasing_MR.sigma_I_translation          ? 
# 
_phasing.method   MR 
# 
loop_
_software.pdbx_ordinal 
_software.name 
_software.version 
_software.date 
_software.type 
_software.contact_author 
_software.contact_author_email 
_software.classification 
_software.location 
_software.language 
_software.citation_id 
1 XSCALE      .    ?                package 'Wolfgang Kabsch'    ?                        'data scaling'    
http://www.mpimf-heidelberg.mpg.de/~kabsch/xds/html_doc/xscale_program.html ?          ? 
2 MOLREP      .    ?                program 'Alexei Vaguine'     alexei@ysbl.york.ac.uk   phasing           
http://www.ccp4.ac.uk/dist/html/molrep.html                                 Fortran_77 ? 
3 REFMAC      .    ?                program 'Garib N. Murshudov' garib@ysbl.york.ac.uk    refinement        
http://www.ccp4.ac.uk/dist/html/refmac5.html                                Fortran_77 ? 
4 PDB_EXTRACT 3.11 'April 22, 2011' package PDB                  deposit@deposit.rcsb.org 'data extraction' 
http://sw-tools.pdb.org/apps/PDB_EXTRACT/                                   C++        ? 
5 XDS         .    ?                ?       ?                    ?                        'data reduction'  ? ?          ? 
6 XDS         .    ?                ?       ?                    ?                        'data scaling'    ? ?          ? 
# 
_pdbx_validate_rmsd_angle.id                         1 
_pdbx_validate_rmsd_angle.PDB_model_num              1 
_pdbx_validate_rmsd_angle.auth_atom_id_1             "C3'" 
_pdbx_validate_rmsd_angle.auth_asym_id_1             A 
_pdbx_validate_rmsd_angle.auth_comp_id_1             DG 
_pdbx_validate_rmsd_angle.auth_seq_id_1              2 
_pdbx_validate_rmsd_angle.PDB_ins_code_1             ? 
_pdbx_validate_rmsd_angle.label_alt_id_1             ? 
_pdbx_validate_rmsd_angle.auth_atom_id_2             "C2'" 
_pdbx_validate_rmsd_angle.auth_asym_id_2             A 
_pdbx_validate_rmsd_angle.auth_comp_id_2             DG 
_pdbx_validate_rmsd_angle.auth_seq_id_2              2 
_pdbx_validate_rmsd_angle.PDB_ins_code_2             ? 
_pdbx_validate_rmsd_angle.label_alt_id_2             ? 
_pdbx_validate_rmsd_angle.auth_atom_id_3             "C1'" 
_pdbx_validate_rmsd_angle.auth_asym_id_3             A 
_pdbx_validate_rmsd_angle.auth_comp_id_3             DG 
_pdbx_validate_rmsd_angle.auth_seq_id_3              2 
_pdbx_validate_rmsd_angle.PDB_ins_code_3             ? 
_pdbx_validate_rmsd_angle.label_alt_id_3             ? 
_pdbx_validate_rmsd_angle.angle_value                97.25 
_pdbx_validate_rmsd_angle.angle_target_value         102.40 
_pdbx_validate_rmsd_angle.angle_deviation            -5.15 
_pdbx_validate_rmsd_angle.angle_standard_deviation   0.80 
_pdbx_validate_rmsd_angle.linker_flag                N 
# 
loop_
_chem_comp_atom.comp_id 
_chem_comp_atom.atom_id 
_chem_comp_atom.type_symbol 
_chem_comp_atom.pdbx_aromatic_flag 
_chem_comp_atom.pdbx_stereo_config 
_chem_comp_atom.pdbx_ordinal 
DA  OP3    O N N 1   
DA  P      P N N 2   
DA  OP1    O N N 3   
DA  OP2    O N N 4   
DA  "O5'"  O N N 5   
DA  "C5'"  C N N 6   
DA  "C4'"  C N R 7   
DA  "O4'"  O N N 8   
DA  "C3'"  C N S 9   
DA  "O3'"  O N N 10  
DA  "C2'"  C N N 11  
DA  "C1'"  C N R 12  
DA  N9     N Y N 13  
DA  C8     C Y N 14  
DA  N7     N Y N 15  
DA  C5     C Y N 16  
DA  C6     C Y N 17  
DA  N6     N N N 18  
DA  N1     N Y N 19  
DA  C2     C Y N 20  
DA  N3     N Y N 21  
DA  C4     C Y N 22  
DA  HOP3   H N N 23  
DA  HOP2   H N N 24  
DA  "H5'"  H N N 25  
DA  "H5''" H N N 26  
DA  "H4'"  H N N 27  
DA  "H3'"  H N N 28  
DA  "HO3'" H N N 29  
DA  "H2'"  H N N 30  
DA  "H2''" H N N 31  
DA  "H1'"  H N N 32  
DA  H8     H N N 33  
DA  H61    H N N 34  
DA  H62    H N N 35  
DA  H2     H N N 36  
DC  OP3    O N N 37  
DC  P      P N N 38  
DC  OP1    O N N 39  
DC  OP2    O N N 40  
DC  "O5'"  O N N 41  
DC  "C5'"  C N N 42  
DC  "C4'"  C N R 43  
DC  "O4'"  O N N 44  
DC  "C3'"  C N S 45  
DC  "O3'"  O N N 46  
DC  "C2'"  C N N 47  
DC  "C1'"  C N R 48  
DC  N1     N N N 49  
DC  C2     C N N 50  
DC  O2     O N N 51  
DC  N3     N N N 52  
DC  C4     C N N 53  
DC  N4     N N N 54  
DC  C5     C N N 55  
DC  C6     C N N 56  
DC  HOP3   H N N 57  
DC  HOP2   H N N 58  
DC  "H5'"  H N N 59  
DC  "H5''" H N N 60  
DC  "H4'"  H N N 61  
DC  "H3'"  H N N 62  
DC  "HO3'" H N N 63  
DC  "H2'"  H N N 64  
DC  "H2''" H N N 65  
DC  "H1'"  H N N 66  
DC  H41    H N N 67  
DC  H42    H N N 68  
DC  H5     H N N 69  
DC  H6     H N N 70  
DG  OP3    O N N 71  
DG  P      P N N 72  
DG  OP1    O N N 73  
DG  OP2    O N N 74  
DG  "O5'"  O N N 75  
DG  "C5'"  C N N 76  
DG  "C4'"  C N R 77  
DG  "O4'"  O N N 78  
DG  "C3'"  C N S 79  
DG  "O3'"  O N N 80  
DG  "C2'"  C N N 81  
DG  "C1'"  C N R 82  
DG  N9     N Y N 83  
DG  C8     C Y N 84  
DG  N7     N Y N 85  
DG  C5     C Y N 86  
DG  C6     C N N 87  
DG  O6     O N N 88  
DG  N1     N N N 89  
DG  C2     C N N 90  
DG  N2     N N N 91  
DG  N3     N N N 92  
DG  C4     C Y N 93  
DG  HOP3   H N N 94  
DG  HOP2   H N N 95  
DG  "H5'"  H N N 96  
DG  "H5''" H N N 97  
DG  "H4'"  H N N 98  
DG  "H3'"  H N N 99  
DG  "HO3'" H N N 100 
DG  "H2'"  H N N 101 
DG  "H2''" H N N 102 
DG  "H1'"  H N N 103 
DG  H8     H N N 104 
DG  H1     H N N 105 
DG  H21    H N N 106 
DG  H22    H N N 107 
DT  OP3    O N N 108 
DT  P      P N N 109 
DT  OP1    O N N 110 
DT  OP2    O N N 111 
DT  "O5'"  O N N 112 
DT  "C5'"  C N N 113 
DT  "C4'"  C N R 114 
DT  "O4'"  O N N 115 
DT  "C3'"  C N S 116 
DT  "O3'"  O N N 117 
DT  "C2'"  C N N 118 
DT  "C1'"  C N R 119 
DT  N1     N N N 120 
DT  C2     C N N 121 
DT  O2     O N N 122 
DT  N3     N N N 123 
DT  C4     C N N 124 
DT  O4     O N N 125 
DT  C5     C N N 126 
DT  C7     C N N 127 
DT  C6     C N N 128 
DT  HOP3   H N N 129 
DT  HOP2   H N N 130 
DT  "H5'"  H N N 131 
DT  "H5''" H N N 132 
DT  "H4'"  H N N 133 
DT  "H3'"  H N N 134 
DT  "HO3'" H N N 135 
DT  "H2'"  H N N 136 
DT  "H2''" H N N 137 
DT  "H1'"  H N N 138 
DT  H3     H N N 139 
DT  H71    H N N 140 
DT  H72    H N N 141 
DT  H73    H N N 142 
DT  H6     H N N 143 
HOH O      O N N 144 
HOH H1     H N N 145 
HOH H2     H N N 146 
KPT C36    C N N 147 
KPT O4     O N N 148 
KPT O3     O N N 149 
KPT C18    C Y N 150 
KPT C13    C Y N 151 
KPT C14    C Y N 152 
KPT C17    C Y N 153 
KPT C16    C Y N 154 
KPT C15    C Y N 155 
KPT C12    C Y N 156 
KPT C11    C Y N 157 
KPT C10    C Y N 158 
KPT N      N Y N 159 
KPT C9     C N N 160 
KPT C8     C N N 161 
KPT C6     C Y N 162 
KPT C5     C Y N 163 
KPT C4     C Y N 164 
KPT C7     C Y N 165 
KPT C3     C Y N 166 
KPT C2     C Y N 167 
KPT O2     O N N 168 
KPT O1     O N N 169 
KPT C1     C N N 170 
KPT H1     H N N 171 
KPT H21    H N N 172 
KPT H2     H N N 173 
KPT H3     H N N 174 
KPT H4     H N N 175 
KPT H5     H N N 176 
KPT H6     H N N 177 
KPT H7     H N N 178 
KPT H8     H N N 179 
KPT H9     H N N 180 
KPT H10    H N N 181 
KPT H11    H N N 182 
KPT H12    H N N 183 
KPT H14    H N N 184 
# 
loop_
_chem_comp_bond.comp_id 
_chem_comp_bond.atom_id_1 
_chem_comp_bond.atom_id_2 
_chem_comp_bond.value_order 
_chem_comp_bond.pdbx_aromatic_flag 
_chem_comp_bond.pdbx_stereo_config 
_chem_comp_bond.pdbx_ordinal 
DA  OP3   P      sing N N 1   
DA  OP3   HOP3   sing N N 2   
DA  P     OP1    doub N N 3   
DA  P     OP2    sing N N 4   
DA  P     "O5'"  sing N N 5   
DA  OP2   HOP2   sing N N 6   
DA  "O5'" "C5'"  sing N N 7   
DA  "C5'" "C4'"  sing N N 8   
DA  "C5'" "H5'"  sing N N 9   
DA  "C5'" "H5''" sing N N 10  
DA  "C4'" "O4'"  sing N N 11  
DA  "C4'" "C3'"  sing N N 12  
DA  "C4'" "H4'"  sing N N 13  
DA  "O4'" "C1'"  sing N N 14  
DA  "C3'" "O3'"  sing N N 15  
DA  "C3'" "C2'"  sing N N 16  
DA  "C3'" "H3'"  sing N N 17  
DA  "O3'" "HO3'" sing N N 18  
DA  "C2'" "C1'"  sing N N 19  
DA  "C2'" "H2'"  sing N N 20  
DA  "C2'" "H2''" sing N N 21  
DA  "C1'" N9     sing N N 22  
DA  "C1'" "H1'"  sing N N 23  
DA  N9    C8     sing Y N 24  
DA  N9    C4     sing Y N 25  
DA  C8    N7     doub Y N 26  
DA  C8    H8     sing N N 27  
DA  N7    C5     sing Y N 28  
DA  C5    C6     sing Y N 29  
DA  C5    C4     doub Y N 30  
DA  C6    N6     sing N N 31  
DA  C6    N1     doub Y N 32  
DA  N6    H61    sing N N 33  
DA  N6    H62    sing N N 34  
DA  N1    C2     sing Y N 35  
DA  C2    N3     doub Y N 36  
DA  C2    H2     sing N N 37  
DA  N3    C4     sing Y N 38  
DC  OP3   P      sing N N 39  
DC  OP3   HOP3   sing N N 40  
DC  P     OP1    doub N N 41  
DC  P     OP2    sing N N 42  
DC  P     "O5'"  sing N N 43  
DC  OP2   HOP2   sing N N 44  
DC  "O5'" "C5'"  sing N N 45  
DC  "C5'" "C4'"  sing N N 46  
DC  "C5'" "H5'"  sing N N 47  
DC  "C5'" "H5''" sing N N 48  
DC  "C4'" "O4'"  sing N N 49  
DC  "C4'" "C3'"  sing N N 50  
DC  "C4'" "H4'"  sing N N 51  
DC  "O4'" "C1'"  sing N N 52  
DC  "C3'" "O3'"  sing N N 53  
DC  "C3'" "C2'"  sing N N 54  
DC  "C3'" "H3'"  sing N N 55  
DC  "O3'" "HO3'" sing N N 56  
DC  "C2'" "C1'"  sing N N 57  
DC  "C2'" "H2'"  sing N N 58  
DC  "C2'" "H2''" sing N N 59  
DC  "C1'" N1     sing N N 60  
DC  "C1'" "H1'"  sing N N 61  
DC  N1    C2     sing N N 62  
DC  N1    C6     sing N N 63  
DC  C2    O2     doub N N 64  
DC  C2    N3     sing N N 65  
DC  N3    C4     doub N N 66  
DC  C4    N4     sing N N 67  
DC  C4    C5     sing N N 68  
DC  N4    H41    sing N N 69  
DC  N4    H42    sing N N 70  
DC  C5    C6     doub N N 71  
DC  C5    H5     sing N N 72  
DC  C6    H6     sing N N 73  
DG  OP3   P      sing N N 74  
DG  OP3   HOP3   sing N N 75  
DG  P     OP1    doub N N 76  
DG  P     OP2    sing N N 77  
DG  P     "O5'"  sing N N 78  
DG  OP2   HOP2   sing N N 79  
DG  "O5'" "C5'"  sing N N 80  
DG  "C5'" "C4'"  sing N N 81  
DG  "C5'" "H5'"  sing N N 82  
DG  "C5'" "H5''" sing N N 83  
DG  "C4'" "O4'"  sing N N 84  
DG  "C4'" "C3'"  sing N N 85  
DG  "C4'" "H4'"  sing N N 86  
DG  "O4'" "C1'"  sing N N 87  
DG  "C3'" "O3'"  sing N N 88  
DG  "C3'" "C2'"  sing N N 89  
DG  "C3'" "H3'"  sing N N 90  
DG  "O3'" "HO3'" sing N N 91  
DG  "C2'" "C1'"  sing N N 92  
DG  "C2'" "H2'"  sing N N 93  
DG  "C2'" "H2''" sing N N 94  
DG  "C1'" N9     sing N N 95  
DG  "C1'" "H1'"  sing N N 96  
DG  N9    C8     sing Y N 97  
DG  N9    C4     sing Y N 98  
DG  C8    N7     doub Y N 99  
DG  C8    H8     sing N N 100 
DG  N7    C5     sing Y N 101 
DG  C5    C6     sing N N 102 
DG  C5    C4     doub Y N 103 
DG  C6    O6     doub N N 104 
DG  C6    N1     sing N N 105 
DG  N1    C2     sing N N 106 
DG  N1    H1     sing N N 107 
DG  C2    N2     sing N N 108 
DG  C2    N3     doub N N 109 
DG  N2    H21    sing N N 110 
DG  N2    H22    sing N N 111 
DG  N3    C4     sing N N 112 
DT  OP3   P      sing N N 113 
DT  OP3   HOP3   sing N N 114 
DT  P     OP1    doub N N 115 
DT  P     OP2    sing N N 116 
DT  P     "O5'"  sing N N 117 
DT  OP2   HOP2   sing N N 118 
DT  "O5'" "C5'"  sing N N 119 
DT  "C5'" "C4'"  sing N N 120 
DT  "C5'" "H5'"  sing N N 121 
DT  "C5'" "H5''" sing N N 122 
DT  "C4'" "O4'"  sing N N 123 
DT  "C4'" "C3'"  sing N N 124 
DT  "C4'" "H4'"  sing N N 125 
DT  "O4'" "C1'"  sing N N 126 
DT  "C3'" "O3'"  sing N N 127 
DT  "C3'" "C2'"  sing N N 128 
DT  "C3'" "H3'"  sing N N 129 
DT  "O3'" "HO3'" sing N N 130 
DT  "C2'" "C1'"  sing N N 131 
DT  "C2'" "H2'"  sing N N 132 
DT  "C2'" "H2''" sing N N 133 
DT  "C1'" N1     sing N N 134 
DT  "C1'" "H1'"  sing N N 135 
DT  N1    C2     sing N N 136 
DT  N1    C6     sing N N 137 
DT  C2    O2     doub N N 138 
DT  C2    N3     sing N N 139 
DT  N3    C4     sing N N 140 
DT  N3    H3     sing N N 141 
DT  C4    O4     doub N N 142 
DT  C4    C5     sing N N 143 
DT  C5    C7     sing N N 144 
DT  C5    C6     doub N N 145 
DT  C7    H71    sing N N 146 
DT  C7    H72    sing N N 147 
DT  C7    H73    sing N N 148 
DT  C6    H6     sing N N 149 
HOH O     H1     sing N N 150 
HOH O     H2     sing N N 151 
KPT O4    C36    sing N N 152 
KPT O3    C36    sing N N 153 
KPT C18   O3     sing N N 154 
KPT C13   C14    sing Y N 155 
KPT C13   C18    sing Y N 156 
KPT C17   C18    doub Y N 157 
KPT C17   O4     sing N N 158 
KPT C16   C17    sing Y N 159 
KPT C15   C12    sing Y N 160 
KPT C15   C16    doub Y N 161 
KPT C12   C13    doub Y N 162 
KPT C11   C10    doub Y N 163 
KPT C11   C12    sing Y N 164 
KPT C10   N      sing Y N 165 
KPT N     C9     sing N N 166 
KPT N     C14    doub Y N 167 
KPT C8    C9     sing N N 168 
KPT C6    C5     sing Y N 169 
KPT C6    C10    sing N N 170 
KPT C5    C8     sing N N 171 
KPT C4    C5     doub Y N 172 
KPT C7    C6     doub Y N 173 
KPT C3    C2     doub Y N 174 
KPT C3    C7     sing Y N 175 
KPT C2    C4     sing Y N 176 
KPT O2    C2     sing N N 177 
KPT O1    C3     sing N N 178 
KPT C1    O1     sing N N 179 
KPT C1    O2     sing N N 180 
KPT C36   H1     sing N N 181 
KPT C36   H21    sing N N 182 
KPT C14   H2     sing N N 183 
KPT C16   H3     sing N N 184 
KPT C15   H4     sing N N 185 
KPT C11   H5     sing N N 186 
KPT C9    H6     sing N N 187 
KPT C9    H7     sing N N 188 
KPT C8    H8     sing N N 189 
KPT C8    H9     sing N N 190 
KPT C4    H10    sing N N 191 
KPT C7    H11    sing N N 192 
KPT C1    H12    sing N N 193 
KPT C1    H14    sing N N 194 
# 
loop_
_ndb_struct_conf_na.entry_id 
_ndb_struct_conf_na.feature 
4L5K 'double helix'        
4L5K 'b-form double helix' 
# 
loop_
_ndb_struct_na_base_pair.model_number 
_ndb_struct_na_base_pair.i_label_asym_id 
_ndb_struct_na_base_pair.i_label_comp_id 
_ndb_struct_na_base_pair.i_label_seq_id 
_ndb_struct_na_base_pair.i_symmetry 
_ndb_struct_na_base_pair.j_label_asym_id 
_ndb_struct_na_base_pair.j_label_comp_id 
_ndb_struct_na_base_pair.j_label_seq_id 
_ndb_struct_na_base_pair.j_symmetry 
_ndb_struct_na_base_pair.shear 
_ndb_struct_na_base_pair.stretch 
_ndb_struct_na_base_pair.stagger 
_ndb_struct_na_base_pair.buckle 
_ndb_struct_na_base_pair.propeller 
_ndb_struct_na_base_pair.opening 
_ndb_struct_na_base_pair.pair_number 
_ndb_struct_na_base_pair.pair_name 
_ndb_struct_na_base_pair.i_auth_asym_id 
_ndb_struct_na_base_pair.i_auth_seq_id 
_ndb_struct_na_base_pair.i_PDB_ins_code 
_ndb_struct_na_base_pair.j_auth_asym_id 
_ndb_struct_na_base_pair.j_auth_seq_id 
_ndb_struct_na_base_pair.j_PDB_ins_code 
_ndb_struct_na_base_pair.hbond_type_28 
_ndb_struct_na_base_pair.hbond_type_12 
1 A DC 1 1_555 A DG 6 10_555 1.272  -0.160 -0.124 21.562  -21.937 2.500 1 A_DC1:DG6_A A 1 ? A 6 ? 19 1 
1 A DG 2 1_555 A DC 5 10_555 -1.140 -0.621 0.506  -3.802  -13.726 4.074 2 A_DG2:DC5_A A 2 ? A 5 ? 19 1 
1 A DA 3 1_555 A DT 4 10_555 -0.411 0.108  0.222  5.750   -6.099  9.135 3 A_DA3:DT4_A A 3 ? A 4 ? ?  1 
1 A DT 4 1_555 A DA 3 10_555 0.411  0.108  0.222  -5.750  -6.099  9.135 4 A_DT4:DA3_A A 4 ? A 3 ? ?  1 
1 A DC 5 1_555 A DG 2 10_555 1.140  -0.621 0.506  3.802   -13.726 4.074 5 A_DC5:DG2_A A 5 ? A 2 ? 19 1 
1 A DG 6 1_555 A DC 1 10_555 -1.272 -0.160 -0.124 -21.562 -21.937 2.500 6 A_DG6:DC1_A A 6 ? A 1 ? 19 1 
# 
loop_
_ndb_struct_na_base_pair_step.model_number 
_ndb_struct_na_base_pair_step.i_label_asym_id_1 
_ndb_struct_na_base_pair_step.i_label_comp_id_1 
_ndb_struct_na_base_pair_step.i_label_seq_id_1 
_ndb_struct_na_base_pair_step.i_symmetry_1 
_ndb_struct_na_base_pair_step.j_label_asym_id_1 
_ndb_struct_na_base_pair_step.j_label_comp_id_1 
_ndb_struct_na_base_pair_step.j_label_seq_id_1 
_ndb_struct_na_base_pair_step.j_symmetry_1 
_ndb_struct_na_base_pair_step.i_label_asym_id_2 
_ndb_struct_na_base_pair_step.i_label_comp_id_2 
_ndb_struct_na_base_pair_step.i_label_seq_id_2 
_ndb_struct_na_base_pair_step.i_symmetry_2 
_ndb_struct_na_base_pair_step.j_label_asym_id_2 
_ndb_struct_na_base_pair_step.j_label_comp_id_2 
_ndb_struct_na_base_pair_step.j_label_seq_id_2 
_ndb_struct_na_base_pair_step.j_symmetry_2 
_ndb_struct_na_base_pair_step.shift 
_ndb_struct_na_base_pair_step.slide 
_ndb_struct_na_base_pair_step.rise 
_ndb_struct_na_base_pair_step.tilt 
_ndb_struct_na_base_pair_step.roll 
_ndb_struct_na_base_pair_step.twist 
_ndb_struct_na_base_pair_step.x_displacement 
_ndb_struct_na_base_pair_step.y_displacement 
_ndb_struct_na_base_pair_step.helical_rise 
_ndb_struct_na_base_pair_step.inclination 
_ndb_struct_na_base_pair_step.tip 
_ndb_struct_na_base_pair_step.helical_twist 
_ndb_struct_na_base_pair_step.step_number 
_ndb_struct_na_base_pair_step.step_name 
_ndb_struct_na_base_pair_step.i_auth_asym_id_1 
_ndb_struct_na_base_pair_step.i_auth_seq_id_1 
_ndb_struct_na_base_pair_step.i_PDB_ins_code_1 
_ndb_struct_na_base_pair_step.j_auth_asym_id_1 
_ndb_struct_na_base_pair_step.j_auth_seq_id_1 
_ndb_struct_na_base_pair_step.j_PDB_ins_code_1 
_ndb_struct_na_base_pair_step.i_auth_asym_id_2 
_ndb_struct_na_base_pair_step.i_auth_seq_id_2 
_ndb_struct_na_base_pair_step.i_PDB_ins_code_2 
_ndb_struct_na_base_pair_step.j_auth_asym_id_2 
_ndb_struct_na_base_pair_step.j_auth_seq_id_2 
_ndb_struct_na_base_pair_step.j_PDB_ins_code_2 
1 A DC 1 1_555 A DG 6 10_555 A DG 2 1_555 A DC 5 10_555 0.288  1.072  7.037 -7.132 7.971 11.009 -10.120 -13.728 5.480 33.016 
29.540  15.338 1 AA_DC1DG2:DC5DG6_AA A 1 ? A 6 ? A 2 ? A 5 ? 
1 A DG 2 1_555 A DC 5 10_555 A DA 3 1_555 A DT 4 10_555 -1.168 1.197  3.275 -4.061 0.763 42.152 1.577   1.193   3.388 1.058  5.630 
42.345 2 AA_DG2DA3:DT4DC5_AA A 2 ? A 5 ? A 3 ? A 4 ? 
1 A DA 3 1_555 A DT 4 10_555 A DT 4 1_555 A DA 3 10_555 0.000  -0.733 3.591 0.000  2.136 32.455 -1.715  0.000   3.537 3.817  0.000 
32.523 3 AA_DA3DT4:DA3DT4_AA A 3 ? A 4 ? A 4 ? A 3 ? 
1 A DT 4 1_555 A DA 3 10_555 A DC 5 1_555 A DG 2 10_555 1.168  1.197  3.275 4.061  0.763 42.152 1.577   -1.193  3.388 1.058  
-5.630  42.345 4 AA_DT4DC5:DG2DA3_AA A 4 ? A 3 ? A 5 ? A 2 ? 
1 A DC 5 1_555 A DG 2 10_555 A DG 6 1_555 A DC 1 10_555 -0.288 1.072  7.037 7.132  7.971 11.009 -10.120 13.728  5.480 33.016 
-29.540 15.337 5 AA_DC5DG6:DC1DG2_AA A 5 ? A 2 ? A 6 ? A 1 ? 
# 
loop_
_pdbx_entity_nonpoly.entity_id 
_pdbx_entity_nonpoly.name 
_pdbx_entity_nonpoly.comp_id 
2 '6,7-dihydro[1,3]dioxolo[4,5-g][1,3]dioxolo[7,8]isoquino[3,2-a]isoquinolin-5-ium' KPT 
3 water                                                                             HOH 
# 
_pdbx_initial_refinement_model.id               1 
_pdbx_initial_refinement_model.entity_id_list   ? 
_pdbx_initial_refinement_model.type             'experimental model' 
_pdbx_initial_refinement_model.source_name      PDB 
_pdbx_initial_refinement_model.accession_code   3FT6 
_pdbx_initial_refinement_model.details          'PDB ENTRY 3FT6' 
# 
